data_1A7E
#
_entry.id   1A7E
#
_cell.length_a   41.885
_cell.length_b   81.170
_cell.length_c   36.685
_cell.angle_alpha   90.00
_cell.angle_beta   90.00
_cell.angle_gamma   90.00
#
_symmetry.space_group_name_H-M   'P 21 21 21'
#
loop_
_entity.id
_entity.type
_entity.pdbx_description
1 polymer MYOHEMERYTHRIN
2 non-polymer 'CHLORIDE ION'
3 non-polymer 'HYDROXY DIIRON-OXO MOIETY'
4 water water
#
_entity_poly.entity_id   1
_entity_poly.type   'polypeptide(L)'
_entity_poly.pdbx_seq_one_letter_code
;GWEIPEPYVWDESFRVFYEQLDEEHKKIFKGIFDCIRDNSAPNLATLVKVTTNHFTHEEAMMDAAKYSEVVPHKKMHKDF
LEKIGGLSAPVDAKNVDYCKEWNVNHIKGTDFKYKGKL
;
_entity_poly.pdbx_strand_id   A
#
# COMPACT_ATOMS: atom_id res chain seq x y z
N GLY A 1 6.18 -0.56 -16.02
CA GLY A 1 5.53 -0.44 -14.73
C GLY A 1 5.46 1.06 -14.54
N TRP A 2 4.78 1.61 -13.53
CA TRP A 2 4.69 3.03 -13.31
C TRP A 2 5.98 3.59 -12.69
N GLU A 3 6.22 4.89 -12.86
CA GLU A 3 7.38 5.54 -12.26
C GLU A 3 7.41 5.39 -10.73
N ILE A 4 8.57 5.09 -10.19
CA ILE A 4 8.75 4.96 -8.75
C ILE A 4 9.19 6.35 -8.28
N PRO A 5 8.44 7.08 -7.45
CA PRO A 5 8.78 8.45 -7.04
C PRO A 5 10.10 8.52 -6.26
N GLU A 6 10.95 9.52 -6.50
CA GLU A 6 12.20 9.74 -5.77
C GLU A 6 12.33 11.24 -5.47
N PRO A 7 12.30 11.73 -4.22
CA PRO A 7 11.99 10.98 -2.98
C PRO A 7 10.71 10.12 -2.99
N TYR A 8 10.60 9.04 -2.23
CA TYR A 8 9.41 8.21 -2.33
C TYR A 8 8.26 8.85 -1.55
N VAL A 9 7.47 9.72 -2.22
CA VAL A 9 6.36 10.38 -1.61
C VAL A 9 5.12 10.18 -2.49
N TRP A 10 3.94 10.33 -1.88
CA TRP A 10 2.69 10.30 -2.63
C TRP A 10 2.58 11.54 -3.52
N ASP A 11 1.92 11.45 -4.66
CA ASP A 11 1.57 12.65 -5.37
C ASP A 11 0.15 12.50 -5.93
N GLU A 12 -0.45 13.56 -6.49
CA GLU A 12 -1.80 13.52 -7.03
C GLU A 12 -2.17 12.50 -8.11
N SER A 13 -1.19 11.99 -8.87
CA SER A 13 -1.48 11.01 -9.90
C SER A 13 -1.88 9.70 -9.22
N PHE A 14 -1.65 9.50 -7.90
CA PHE A 14 -2.12 8.32 -7.20
C PHE A 14 -3.51 8.51 -6.60
N ARG A 15 -4.14 9.70 -6.63
CA ARG A 15 -5.44 9.94 -6.04
C ARG A 15 -6.54 9.01 -6.54
N VAL A 16 -7.31 8.47 -5.61
CA VAL A 16 -8.44 7.64 -5.93
C VAL A 16 -9.77 8.35 -5.70
N PHE A 17 -9.73 9.53 -5.08
CA PHE A 17 -10.88 10.39 -4.77
C PHE A 17 -11.88 9.86 -3.73
N TYR A 18 -11.29 9.25 -2.70
CA TYR A 18 -11.98 8.81 -1.50
C TYR A 18 -10.91 9.22 -0.45
N GLU A 19 -11.22 10.32 0.25
CA GLU A 19 -10.37 11.00 1.18
C GLU A 19 -9.61 10.17 2.20
N GLN A 20 -10.38 9.30 2.82
CA GLN A 20 -9.76 8.46 3.82
C GLN A 20 -8.83 7.45 3.20
N LEU A 21 -9.13 6.84 2.04
CA LEU A 21 -8.24 5.89 1.38
C LEU A 21 -7.02 6.62 0.84
N ASP A 22 -7.20 7.83 0.32
CA ASP A 22 -6.08 8.64 -0.13
C ASP A 22 -5.19 8.99 1.04
N GLU A 23 -5.73 9.34 2.22
CA GLU A 23 -4.91 9.57 3.44
C GLU A 23 -4.11 8.34 3.86
N GLU A 24 -4.73 7.18 3.76
CA GLU A 24 -4.09 5.91 4.08
C GLU A 24 -2.99 5.63 3.07
N HIS A 25 -3.17 5.93 1.78
CA HIS A 25 -2.15 5.69 0.76
C HIS A 25 -0.96 6.60 1.02
N LYS A 26 -1.23 7.85 1.43
CA LYS A 26 -0.21 8.77 1.83
C LYS A 26 0.61 8.25 3.01
N LYS A 27 -0.05 7.63 3.98
CA LYS A 27 0.67 7.07 5.13
C LYS A 27 1.49 5.84 4.77
N ILE A 28 1.12 5.09 3.72
CA ILE A 28 1.89 3.92 3.33
C ILE A 28 3.13 4.44 2.60
N PHE A 29 3.01 5.49 1.76
CA PHE A 29 4.21 6.11 1.13
C PHE A 29 5.17 6.59 2.24
N LYS A 30 4.66 7.30 3.26
CA LYS A 30 5.44 7.75 4.40
C LYS A 30 6.06 6.58 5.17
N GLY A 31 5.29 5.49 5.40
CA GLY A 31 5.81 4.32 6.09
C GLY A 31 7.02 3.73 5.36
N ILE A 32 6.93 3.59 4.03
CA ILE A 32 8.04 3.05 3.26
C ILE A 32 9.21 4.05 3.26
N PHE A 33 8.98 5.36 3.00
CA PHE A 33 9.97 6.44 3.04
C PHE A 33 10.70 6.40 4.38
N ASP A 34 9.99 6.20 5.49
CA ASP A 34 10.64 6.11 6.79
C ASP A 34 11.49 4.89 6.93
N CYS A 35 11.05 3.73 6.44
CA CYS A 35 11.88 2.54 6.47
C CYS A 35 13.13 2.72 5.65
N ILE A 36 13.04 3.39 4.51
CA ILE A 36 14.20 3.64 3.65
C ILE A 36 15.24 4.49 4.39
N ARG A 37 14.84 5.54 5.10
CA ARG A 37 15.80 6.41 5.74
C ARG A 37 16.23 5.97 7.12
N ASP A 38 15.41 5.14 7.78
CA ASP A 38 15.67 4.62 9.09
C ASP A 38 15.05 3.22 9.15
N ASN A 39 15.90 2.27 8.76
CA ASN A 39 15.51 0.89 8.55
C ASN A 39 15.49 0.08 9.82
N SER A 40 14.50 0.43 10.64
CA SER A 40 14.43 -0.09 11.98
C SER A 40 13.27 -1.04 12.19
N ALA A 41 13.35 -1.82 13.29
CA ALA A 41 12.25 -2.71 13.64
C ALA A 41 10.95 -1.92 13.98
N PRO A 42 10.88 -0.83 14.77
CA PRO A 42 9.70 0.03 14.88
C PRO A 42 9.15 0.51 13.57
N ASN A 43 10.01 0.98 12.66
CA ASN A 43 9.48 1.49 11.40
C ASN A 43 8.84 0.45 10.50
N LEU A 44 9.41 -0.75 10.49
CA LEU A 44 8.86 -1.85 9.71
C LEU A 44 7.51 -2.25 10.32
N ALA A 45 7.39 -2.38 11.65
CA ALA A 45 6.15 -2.77 12.29
C ALA A 45 5.12 -1.69 12.12
N THR A 46 5.49 -0.42 12.07
CA THR A 46 4.55 0.64 11.76
C THR A 46 4.07 0.43 10.30
N LEU A 47 4.96 0.16 9.36
CA LEU A 47 4.52 -0.05 8.00
C LEU A 47 3.58 -1.24 7.97
N VAL A 48 3.80 -2.32 8.72
CA VAL A 48 2.86 -3.43 8.68
C VAL A 48 1.48 -3.00 9.21
N LYS A 49 1.45 -2.27 10.32
CA LYS A 49 0.23 -1.76 10.94
C LYS A 49 -0.58 -0.82 10.07
N VAL A 50 0.07 0.16 9.47
CA VAL A 50 -0.65 1.08 8.60
C VAL A 50 -1.16 0.38 7.36
N THR A 51 -0.42 -0.55 6.76
CA THR A 51 -0.86 -1.24 5.58
C THR A 51 -2.03 -2.17 5.92
N THR A 52 -2.04 -2.91 7.05
CA THR A 52 -3.15 -3.78 7.46
C THR A 52 -4.40 -2.95 7.66
N ASN A 53 -4.30 -1.86 8.39
CA ASN A 53 -5.42 -0.98 8.61
C ASN A 53 -5.98 -0.46 7.28
N HIS A 54 -5.13 0.02 6.36
CA HIS A 54 -5.58 0.44 5.05
C HIS A 54 -6.28 -0.68 4.28
N PHE A 55 -5.72 -1.90 4.25
CA PHE A 55 -6.33 -2.96 3.50
C PHE A 55 -7.67 -3.35 4.10
N THR A 56 -7.83 -3.41 5.43
CA THR A 56 -9.13 -3.69 6.05
C THR A 56 -10.14 -2.59 5.68
N HIS A 57 -9.76 -1.32 5.73
CA HIS A 57 -10.68 -0.24 5.41
C HIS A 57 -11.07 -0.27 3.93
N GLU A 58 -10.13 -0.42 2.99
CA GLU A 58 -10.41 -0.48 1.56
C GLU A 58 -11.30 -1.67 1.20
N GLU A 59 -11.08 -2.83 1.84
CA GLU A 59 -11.88 -4.02 1.61
C GLU A 59 -13.24 -3.84 2.22
N ALA A 60 -13.39 -3.14 3.36
CA ALA A 60 -14.71 -2.87 3.91
C ALA A 60 -15.54 -1.98 2.95
N MET A 61 -14.92 -0.97 2.31
CA MET A 61 -15.59 -0.14 1.31
C MET A 61 -15.90 -0.91 0.03
N MET A 62 -15.04 -1.84 -0.45
CA MET A 62 -15.37 -2.65 -1.62
C MET A 62 -16.53 -3.61 -1.33
N ASP A 63 -16.54 -4.26 -0.17
CA ASP A 63 -17.66 -5.11 0.22
C ASP A 63 -18.98 -4.34 0.40
N ALA A 64 -18.93 -3.16 1.02
CA ALA A 64 -20.14 -2.41 1.21
C ALA A 64 -20.71 -2.00 -0.14
N ALA A 65 -19.86 -1.75 -1.14
CA ALA A 65 -20.29 -1.32 -2.47
C ALA A 65 -20.69 -2.51 -3.33
N LYS A 66 -20.46 -3.74 -2.85
CA LYS A 66 -20.57 -4.99 -3.60
C LYS A 66 -19.82 -4.92 -4.93
N TYR A 67 -18.61 -4.40 -4.75
CA TYR A 67 -17.69 -4.20 -5.85
C TYR A 67 -17.28 -5.58 -6.33
N SER A 68 -17.46 -5.80 -7.62
CA SER A 68 -17.32 -7.16 -8.06
C SER A 68 -15.90 -7.64 -8.25
N GLU A 69 -14.89 -6.79 -8.14
CA GLU A 69 -13.54 -7.25 -8.31
C GLU A 69 -12.80 -7.32 -6.97
N VAL A 70 -13.56 -7.39 -5.87
CA VAL A 70 -12.98 -7.48 -4.53
C VAL A 70 -12.22 -8.78 -4.24
N VAL A 71 -12.55 -9.96 -4.81
CA VAL A 71 -11.80 -11.13 -4.34
C VAL A 71 -10.38 -11.17 -4.91
N PRO A 72 -9.98 -10.93 -6.19
CA PRO A 72 -8.59 -10.91 -6.58
C PRO A 72 -7.91 -9.77 -5.86
N HIS A 73 -8.58 -8.66 -5.58
CA HIS A 73 -7.98 -7.58 -4.82
C HIS A 73 -7.59 -8.01 -3.39
N LYS A 74 -8.49 -8.65 -2.65
CA LYS A 74 -8.19 -9.16 -1.33
C LYS A 74 -7.02 -10.15 -1.36
N LYS A 75 -6.84 -11.00 -2.38
CA LYS A 75 -5.71 -11.92 -2.41
C LYS A 75 -4.41 -11.13 -2.58
N MET A 76 -4.42 -10.10 -3.44
CA MET A 76 -3.28 -9.21 -3.57
C MET A 76 -2.85 -8.63 -2.20
N HIS A 77 -3.85 -8.14 -1.48
CA HIS A 77 -3.65 -7.61 -0.13
C HIS A 77 -3.05 -8.63 0.86
N LYS A 78 -3.65 -9.83 0.83
CA LYS A 78 -3.22 -10.94 1.71
C LYS A 78 -1.76 -11.32 1.43
N ASP A 79 -1.38 -11.40 0.14
CA ASP A 79 -0.04 -11.75 -0.22
C ASP A 79 0.98 -10.74 0.17
N PHE A 80 0.66 -9.47 0.05
CA PHE A 80 1.60 -8.44 0.44
C PHE A 80 1.73 -8.39 1.93
N LEU A 81 0.68 -8.47 2.74
CA LEU A 81 0.83 -8.48 4.18
C LEU A 81 1.63 -9.71 4.62
N GLU A 82 1.47 -10.86 3.95
CA GLU A 82 2.23 -12.06 4.27
C GLU A 82 3.71 -11.85 4.03
N LYS A 83 4.02 -11.19 2.93
CA LYS A 83 5.38 -10.84 2.59
C LYS A 83 5.99 -9.85 3.63
N ILE A 84 5.41 -8.65 3.83
CA ILE A 84 6.05 -7.68 4.73
C ILE A 84 5.91 -8.11 6.21
N GLY A 85 4.85 -8.85 6.59
CA GLY A 85 4.72 -9.38 7.94
C GLY A 85 5.80 -10.44 8.16
N GLY A 86 6.50 -10.98 7.14
CA GLY A 86 7.55 -11.94 7.40
C GLY A 86 8.94 -11.33 7.39
N LEU A 87 9.05 -10.05 7.07
CA LEU A 87 10.34 -9.39 7.00
C LEU A 87 10.87 -9.00 8.39
N SER A 88 12.17 -8.70 8.55
CA SER A 88 12.72 -8.19 9.78
C SER A 88 13.72 -7.14 9.36
N ALA A 89 13.78 -6.13 10.18
CA ALA A 89 14.78 -5.09 9.97
C ALA A 89 16.24 -5.53 10.18
N PRO A 90 17.20 -4.95 9.47
CA PRO A 90 16.98 -4.00 8.39
C PRO A 90 16.56 -4.74 7.15
N VAL A 91 15.55 -4.19 6.48
CA VAL A 91 15.05 -4.83 5.28
C VAL A 91 16.11 -4.68 4.19
N ASP A 92 16.54 -5.74 3.51
CA ASP A 92 17.56 -5.60 2.48
C ASP A 92 17.03 -4.83 1.29
N ALA A 93 17.97 -4.36 0.49
CA ALA A 93 17.72 -3.53 -0.70
C ALA A 93 16.71 -4.06 -1.71
N LYS A 94 16.71 -5.37 -1.91
CA LYS A 94 15.77 -6.06 -2.79
C LYS A 94 14.32 -6.00 -2.28
N ASN A 95 14.14 -6.19 -0.99
CA ASN A 95 12.81 -6.19 -0.44
C ASN A 95 12.29 -4.78 -0.26
N VAL A 96 13.19 -3.78 -0.05
CA VAL A 96 12.80 -2.38 0.01
C VAL A 96 12.31 -2.01 -1.36
N ASP A 97 13.00 -2.40 -2.43
CA ASP A 97 12.56 -2.12 -3.78
C ASP A 97 11.27 -2.83 -4.09
N TYR A 98 11.11 -4.09 -3.67
CA TYR A 98 9.86 -4.82 -3.77
C TYR A 98 8.70 -3.97 -3.22
N CYS A 99 8.80 -3.46 -1.99
CA CYS A 99 7.75 -2.68 -1.36
C CYS A 99 7.49 -1.40 -2.13
N LYS A 100 8.56 -0.72 -2.59
CA LYS A 100 8.38 0.51 -3.32
C LYS A 100 7.59 0.31 -4.60
N GLU A 101 7.98 -0.73 -5.32
CA GLU A 101 7.37 -1.13 -6.58
C GLU A 101 5.92 -1.60 -6.44
N TRP A 102 5.74 -2.44 -5.43
CA TRP A 102 4.46 -3.07 -5.19
C TRP A 102 3.44 -2.01 -4.81
N ASN A 103 3.74 -1.09 -3.88
CA ASN A 103 2.79 -0.05 -3.51
C ASN A 103 2.36 0.80 -4.72
N VAL A 104 3.31 1.30 -5.52
CA VAL A 104 2.98 2.07 -6.73
C VAL A 104 2.10 1.29 -7.72
N ASN A 105 2.53 0.07 -8.03
CA ASN A 105 1.84 -0.72 -9.00
C ASN A 105 0.45 -1.16 -8.54
N HIS A 106 0.32 -1.39 -7.23
CA HIS A 106 -0.94 -1.85 -6.67
C HIS A 106 -1.95 -0.72 -6.73
N ILE A 107 -1.60 0.50 -6.28
CA ILE A 107 -2.53 1.63 -6.35
C ILE A 107 -2.95 1.92 -7.79
N LYS A 108 -2.02 2.11 -8.70
CA LYS A 108 -2.39 2.43 -10.07
C LYS A 108 -2.95 1.31 -10.95
N GLY A 109 -2.55 0.06 -10.69
CA GLY A 109 -2.94 -1.05 -11.51
C GLY A 109 -4.13 -1.76 -10.92
N THR A 110 -4.34 -1.72 -9.58
CA THR A 110 -5.50 -2.39 -8.99
C THR A 110 -6.43 -1.48 -8.23
N ASP A 111 -5.98 -0.61 -7.33
CA ASP A 111 -6.92 0.27 -6.66
C ASP A 111 -7.63 1.20 -7.64
N PHE A 112 -6.98 1.60 -8.74
CA PHE A 112 -7.63 2.47 -9.73
C PHE A 112 -8.87 1.85 -10.39
N LYS A 113 -8.98 0.53 -10.34
CA LYS A 113 -10.17 -0.18 -10.84
C LYS A 113 -11.45 0.13 -10.07
N TYR A 114 -11.36 0.58 -8.81
CA TYR A 114 -12.56 0.92 -8.09
C TYR A 114 -12.90 2.41 -8.15
N LYS A 115 -12.19 3.24 -8.94
CA LYS A 115 -12.49 4.67 -9.03
C LYS A 115 -13.95 4.90 -9.47
N GLY A 116 -14.67 5.62 -8.62
CA GLY A 116 -16.07 5.91 -8.82
C GLY A 116 -16.96 4.72 -8.51
N LYS A 117 -16.47 3.62 -7.93
CA LYS A 117 -17.29 2.43 -7.72
C LYS A 117 -17.60 2.20 -6.23
N LEU A 118 -17.03 3.02 -5.33
CA LEU A 118 -17.18 2.76 -3.91
C LEU A 118 -18.13 3.75 -3.27
#